data_1Q8O
#
_entry.id   1Q8O
#
_cell.length_a   56.32
_cell.length_b   82.98
_cell.length_c   122.00
_cell.angle_alpha   90.0
_cell.angle_beta   90.0
_cell.angle_gamma   90.0
#
_symmetry.space_group_name_H-M   'P 21 21 21'
#
loop_
_entity.id
_entity.type
_entity.pdbx_description
1 polymer lectin
2 branched 'alpha-D-mannopyranose-(1-2)-methyl alpha-D-mannopyranoside'
3 non-polymer 'MANGANESE (II) ION'
4 non-polymer 'CALCIUM ION'
5 water water
#
_entity_poly.entity_id   1
_entity_poly.type   'polypeptide(L)'
_entity_poly.pdbx_seq_one_letter_code
;(PCA)DSLSFGFPTFPSDQKNLIFQGDAQIKNNAVQLTKTDSNGNPVASTVGRILFSAQVHLWEKSSSRVANFQSQFSFS
LKSPLSNGADGIAFFIAPPDTTIPSGSGGGLLGLFAPGTAQNTSANQVIAVEFDTFYAQDSNTWDPNYPHIGIDVNSIRS
VKTVKWDRRDGQSLNVLVTFNPSTRNLDVVATYSDGTRYEVSYEVDVRSVLPEWVRVGFSAASGEQYQTHTLESWSFTST
LLYTAQKKGENLALEM
;
_entity_poly.pdbx_strand_id   A,B
#
# COMPACT_ATOMS: atom_id res chain seq x y z
N ASP A 2 -8.58 6.17 2.55
CA ASP A 2 -9.16 6.17 3.88
C ASP A 2 -8.83 4.86 4.59
N SER A 3 -8.71 3.79 3.81
CA SER A 3 -8.40 2.49 4.38
C SER A 3 -7.29 1.83 3.61
N LEU A 4 -6.47 1.08 4.32
CA LEU A 4 -5.33 0.39 3.75
C LEU A 4 -5.06 -0.89 4.54
N SER A 5 -4.70 -1.95 3.83
CA SER A 5 -4.34 -3.18 4.50
C SER A 5 -3.42 -3.99 3.61
N PHE A 6 -2.51 -4.71 4.25
CA PHE A 6 -1.57 -5.53 3.53
C PHE A 6 -1.24 -6.69 4.45
N GLY A 7 -0.90 -7.83 3.87
CA GLY A 7 -0.60 -8.98 4.68
C GLY A 7 0.58 -9.76 4.16
N PHE A 8 1.50 -10.06 5.08
CA PHE A 8 2.69 -10.83 4.77
C PHE A 8 2.65 -12.14 5.55
N PRO A 9 2.05 -13.20 4.98
CA PRO A 9 2.00 -14.48 5.69
C PRO A 9 3.45 -14.91 5.97
N THR A 10 4.33 -14.63 5.02
CA THR A 10 5.75 -14.91 5.13
C THR A 10 6.45 -13.77 4.42
N PHE A 11 7.77 -13.85 4.33
CA PHE A 11 8.55 -12.81 3.67
C PHE A 11 9.50 -13.32 2.60
N PRO A 12 8.99 -13.55 1.38
CA PRO A 12 9.83 -14.02 0.27
C PRO A 12 10.92 -12.97 0.03
N SER A 13 12.04 -13.37 -0.56
CA SER A 13 13.13 -12.41 -0.78
C SER A 13 12.87 -11.35 -1.85
N ASP A 14 11.84 -11.55 -2.66
CA ASP A 14 11.52 -10.59 -3.72
C ASP A 14 10.54 -9.51 -3.22
N GLN A 15 11.01 -8.64 -2.32
CA GLN A 15 10.15 -7.59 -1.79
C GLN A 15 10.23 -6.28 -2.58
N LYS A 16 9.10 -5.61 -2.73
CA LYS A 16 9.06 -4.36 -3.46
C LYS A 16 8.55 -3.18 -2.64
N ASN A 17 7.70 -3.46 -1.65
CA ASN A 17 7.14 -2.40 -0.83
C ASN A 17 7.67 -2.27 0.58
N LEU A 18 8.87 -2.79 0.81
CA LEU A 18 9.48 -2.69 2.13
C LEU A 18 10.73 -1.83 2.09
N ILE A 19 10.79 -0.89 3.01
CA ILE A 19 11.94 -0.01 3.14
C ILE A 19 12.82 -0.67 4.20
N PHE A 20 14.02 -1.09 3.79
CA PHE A 20 14.96 -1.73 4.71
C PHE A 20 15.97 -0.69 5.17
N GLN A 21 16.17 -0.60 6.48
CA GLN A 21 17.13 0.35 7.02
C GLN A 21 18.08 -0.41 7.93
N GLY A 22 19.33 0.04 8.00
CA GLY A 22 20.29 -0.63 8.85
C GLY A 22 20.66 -2.00 8.32
N ASP A 23 20.69 -2.99 9.19
CA ASP A 23 21.07 -4.34 8.81
C ASP A 23 19.92 -5.28 8.48
N ALA A 24 18.69 -4.76 8.40
CA ALA A 24 17.55 -5.60 8.10
C ALA A 24 17.61 -6.21 6.70
N GLN A 25 17.24 -7.48 6.60
CA GLN A 25 17.24 -8.15 5.31
C GLN A 25 16.41 -9.43 5.41
N ILE A 26 16.00 -9.94 4.26
CA ILE A 26 15.21 -11.16 4.20
C ILE A 26 16.09 -12.40 4.18
N LYS A 27 15.70 -13.40 4.97
CA LYS A 27 16.41 -14.67 5.04
C LYS A 27 15.46 -15.78 5.44
N ASN A 28 15.39 -16.82 4.62
CA ASN A 28 14.52 -17.95 4.89
C ASN A 28 13.08 -17.50 5.05
N ASN A 29 12.60 -16.71 4.08
CA ASN A 29 11.23 -16.21 4.10
C ASN A 29 10.84 -15.48 5.37
N ALA A 30 11.81 -14.87 6.03
CA ALA A 30 11.55 -14.11 7.24
C ALA A 30 12.44 -12.88 7.22
N VAL A 31 12.08 -11.88 8.01
CA VAL A 31 12.88 -10.68 8.06
C VAL A 31 13.82 -10.74 9.27
N GLN A 32 15.12 -10.73 8.98
CA GLN A 32 16.13 -10.73 10.04
C GLN A 32 16.44 -9.26 10.24
N LEU A 33 15.84 -8.67 11.27
CA LEU A 33 16.04 -7.26 11.55
C LEU A 33 17.48 -6.97 11.95
N THR A 34 18.07 -7.85 12.74
CA THR A 34 19.44 -7.67 13.16
C THR A 34 20.36 -8.59 12.38
N LYS A 35 21.60 -8.15 12.21
CA LYS A 35 22.61 -8.89 11.45
C LYS A 35 22.97 -10.26 12.02
N THR A 36 23.22 -11.20 11.13
CA THR A 36 23.62 -12.55 11.51
C THR A 36 24.81 -12.93 10.64
N ASP A 37 25.65 -13.84 11.12
CA ASP A 37 26.81 -14.25 10.36
C ASP A 37 26.45 -15.31 9.33
N SER A 38 27.48 -15.89 8.70
CA SER A 38 27.30 -16.92 7.67
C SER A 38 26.44 -18.09 8.11
N ASN A 39 26.74 -18.64 9.28
CA ASN A 39 25.98 -19.78 9.79
C ASN A 39 24.67 -19.39 10.49
N GLY A 40 24.27 -18.12 10.35
CA GLY A 40 23.01 -17.66 10.93
C GLY A 40 22.98 -17.26 12.38
N ASN A 41 24.14 -17.07 13.01
CA ASN A 41 24.17 -16.69 14.41
C ASN A 41 24.12 -15.18 14.58
N PRO A 42 23.44 -14.70 15.63
CA PRO A 42 23.30 -13.27 15.91
C PRO A 42 24.66 -12.64 16.26
N VAL A 43 24.85 -11.40 15.84
CA VAL A 43 26.10 -10.69 16.12
C VAL A 43 25.83 -9.45 16.96
N ALA A 44 26.88 -8.91 17.56
CA ALA A 44 26.76 -7.71 18.38
C ALA A 44 26.74 -6.45 17.53
N SER A 45 26.37 -5.35 18.17
CA SER A 45 26.35 -4.05 17.50
C SER A 45 25.65 -4.07 16.16
N THR A 46 24.34 -4.22 16.19
CA THR A 46 23.57 -4.25 14.96
C THR A 46 22.16 -3.70 15.19
N VAL A 47 21.72 -2.86 14.26
CA VAL A 47 20.40 -2.25 14.29
C VAL A 47 19.79 -2.50 12.92
N GLY A 48 18.47 -2.67 12.89
CA GLY A 48 17.78 -2.90 11.64
C GLY A 48 16.31 -2.56 11.78
N ARG A 49 15.70 -2.08 10.70
CA ARG A 49 14.29 -1.74 10.74
C ARG A 49 13.72 -1.89 9.33
N ILE A 50 12.41 -2.10 9.25
CA ILE A 50 11.72 -2.18 7.97
C ILE A 50 10.50 -1.31 8.15
N LEU A 51 10.03 -0.74 7.04
CA LEU A 51 8.85 0.12 7.03
C LEU A 51 8.09 -0.20 5.76
N PHE A 52 6.77 -0.24 5.84
CA PHE A 52 6.00 -0.49 4.64
C PHE A 52 6.09 0.82 3.86
N SER A 53 6.27 0.73 2.54
CA SER A 53 6.41 1.92 1.70
C SER A 53 5.20 2.85 1.68
N ALA A 54 4.00 2.28 1.56
CA ALA A 54 2.80 3.11 1.52
C ALA A 54 2.55 3.78 2.85
N GLN A 55 2.35 5.09 2.81
CA GLN A 55 2.09 5.86 4.00
C GLN A 55 0.68 5.59 4.50
N VAL A 56 0.53 5.52 5.81
CA VAL A 56 -0.77 5.26 6.42
C VAL A 56 -1.40 6.56 6.90
N HIS A 57 -2.69 6.73 6.59
CA HIS A 57 -3.41 7.93 6.99
C HIS A 57 -3.97 7.66 8.39
N LEU A 58 -3.19 8.04 9.40
CA LEU A 58 -3.52 7.83 10.80
C LEU A 58 -4.69 8.69 11.29
N TRP A 59 -4.77 9.92 10.80
CA TRP A 59 -5.86 10.80 11.17
C TRP A 59 -6.00 11.92 10.14
N GLU A 60 -7.19 12.49 10.07
CA GLU A 60 -7.47 13.53 9.09
C GLU A 60 -8.13 14.71 9.79
N LYS A 61 -7.38 15.79 9.92
CA LYS A 61 -7.84 17.00 10.59
C LYS A 61 -9.13 17.59 10.01
N SER A 62 -9.24 17.60 8.69
CA SER A 62 -10.43 18.18 8.05
C SER A 62 -11.73 17.45 8.39
N SER A 63 -11.72 16.12 8.39
CA SER A 63 -12.93 15.36 8.67
C SER A 63 -13.05 14.92 10.12
N SER A 64 -12.09 15.36 10.95
CA SER A 64 -12.09 15.00 12.36
C SER A 64 -12.08 13.48 12.55
N ARG A 65 -11.42 12.78 11.65
CA ARG A 65 -11.35 11.33 11.76
C ARG A 65 -10.00 10.80 12.21
N VAL A 66 -10.05 9.69 12.93
CA VAL A 66 -8.84 9.05 13.42
C VAL A 66 -8.98 7.58 13.03
N ALA A 67 -7.89 7.01 12.55
CA ALA A 67 -7.92 5.63 12.11
C ALA A 67 -7.94 4.59 13.21
N ASN A 68 -8.67 3.52 12.94
CA ASN A 68 -8.72 2.37 13.83
C ASN A 68 -7.73 1.46 13.12
N PHE A 69 -6.70 0.99 13.82
CA PHE A 69 -5.75 0.12 13.16
C PHE A 69 -5.49 -1.14 13.96
N GLN A 70 -5.05 -2.16 13.25
CA GLN A 70 -4.74 -3.43 13.86
C GLN A 70 -3.48 -3.95 13.19
N SER A 71 -2.51 -4.33 14.01
CA SER A 71 -1.26 -4.86 13.50
C SER A 71 -1.06 -6.22 14.15
N GLN A 72 -1.06 -7.24 13.31
CA GLN A 72 -0.87 -8.59 13.79
C GLN A 72 0.44 -9.06 13.20
N PHE A 73 1.28 -9.67 14.05
CA PHE A 73 2.56 -10.14 13.58
C PHE A 73 3.13 -11.17 14.55
N SER A 74 4.15 -11.88 14.13
CA SER A 74 4.77 -12.86 15.00
C SER A 74 6.27 -12.78 14.81
N PHE A 75 7.02 -13.03 15.88
CA PHE A 75 8.46 -12.98 15.78
C PHE A 75 9.03 -14.01 16.74
N SER A 76 10.31 -14.31 16.58
CA SER A 76 10.99 -15.23 17.46
C SER A 76 12.38 -14.67 17.71
N LEU A 77 12.91 -14.95 18.88
CA LEU A 77 14.23 -14.48 19.27
C LEU A 77 15.08 -15.71 19.57
N LYS A 78 16.28 -15.75 19.01
CA LYS A 78 17.20 -16.86 19.22
C LYS A 78 18.58 -16.31 19.59
N SER A 79 19.23 -16.95 20.55
CA SER A 79 20.55 -16.53 20.99
C SER A 79 21.32 -17.61 21.72
N PRO A 80 22.60 -17.79 21.37
CA PRO A 80 23.46 -18.79 21.99
C PRO A 80 23.56 -18.45 23.47
N LEU A 81 23.56 -17.16 23.76
CA LEU A 81 23.61 -16.67 25.14
C LEU A 81 22.18 -16.82 25.64
N SER A 82 21.92 -16.38 26.87
CA SER A 82 20.57 -16.43 27.44
C SER A 82 20.29 -15.05 28.02
N ASN A 83 21.12 -14.11 27.62
CA ASN A 83 20.99 -12.72 28.00
C ASN A 83 20.84 -11.99 26.68
N GLY A 84 20.08 -12.59 25.76
CA GLY A 84 19.89 -11.98 24.45
C GLY A 84 19.37 -10.57 24.57
N ALA A 85 19.89 -9.69 23.73
CA ALA A 85 19.48 -8.29 23.73
C ALA A 85 19.32 -7.85 22.28
N ASP A 86 18.62 -6.75 22.03
CA ASP A 86 18.00 -5.92 23.07
C ASP A 86 16.50 -5.95 23.00
N GLY A 87 15.95 -6.43 21.89
CA GLY A 87 14.52 -6.49 21.75
C GLY A 87 14.05 -6.03 20.39
N ILE A 88 12.76 -6.20 20.16
CA ILE A 88 12.14 -5.82 18.90
C ILE A 88 10.97 -4.90 19.21
N ALA A 89 10.67 -3.99 18.30
CA ALA A 89 9.57 -3.09 18.53
C ALA A 89 8.79 -2.79 17.27
N PHE A 90 7.48 -2.78 17.41
CA PHE A 90 6.61 -2.41 16.31
C PHE A 90 6.47 -0.91 16.53
N PHE A 91 6.63 -0.10 15.49
CA PHE A 91 6.49 1.33 15.69
C PHE A 91 5.77 2.06 14.56
N ILE A 92 5.34 3.27 14.88
CA ILE A 92 4.64 4.14 13.96
C ILE A 92 5.37 5.47 14.10
N ALA A 93 5.85 6.02 12.99
CA ALA A 93 6.58 7.27 13.03
C ALA A 93 6.33 8.07 11.76
N PRO A 94 6.84 9.32 11.71
CA PRO A 94 6.64 10.13 10.51
C PRO A 94 7.24 9.35 9.35
N PRO A 95 6.72 9.56 8.13
CA PRO A 95 7.16 8.89 6.91
C PRO A 95 8.66 8.90 6.60
N ASP A 96 9.34 10.00 6.89
CA ASP A 96 10.76 10.13 6.60
C ASP A 96 11.71 9.63 7.69
N THR A 97 11.15 8.96 8.69
CA THR A 97 11.94 8.45 9.80
C THR A 97 13.10 7.58 9.31
N THR A 98 14.24 7.70 9.99
CA THR A 98 15.44 6.92 9.68
C THR A 98 16.07 6.56 11.01
N ILE A 99 17.02 5.63 10.98
CA ILE A 99 17.71 5.20 12.18
C ILE A 99 18.50 6.36 12.77
N PRO A 100 18.12 6.82 13.97
CA PRO A 100 18.83 7.94 14.62
C PRO A 100 20.26 7.51 14.93
N SER A 101 21.18 8.46 14.87
CA SER A 101 22.57 8.18 15.16
C SER A 101 22.71 7.71 16.61
N GLY A 102 23.46 6.62 16.81
CA GLY A 102 23.66 6.09 18.15
C GLY A 102 22.41 5.54 18.82
N SER A 103 21.48 5.01 18.03
CA SER A 103 20.24 4.47 18.58
C SER A 103 20.34 2.96 18.80
N GLY A 104 21.56 2.43 18.77
CA GLY A 104 21.75 1.00 18.95
C GLY A 104 21.48 0.50 20.36
N GLY A 105 21.68 -0.80 20.57
CA GLY A 105 21.47 -1.38 21.87
C GLY A 105 20.09 -1.15 22.49
N GLY A 106 20.10 -0.79 23.76
CA GLY A 106 18.87 -0.54 24.49
C GLY A 106 17.96 0.53 23.95
N LEU A 107 18.40 1.30 22.97
CA LEU A 107 17.55 2.34 22.40
C LEU A 107 16.73 1.77 21.24
N LEU A 108 16.93 0.48 20.98
CA LEU A 108 16.20 -0.26 19.96
C LEU A 108 16.18 0.32 18.53
N GLY A 109 17.10 1.25 18.24
CA GLY A 109 17.14 1.83 16.92
C GLY A 109 16.01 2.82 16.69
N LEU A 110 15.36 3.22 17.78
CA LEU A 110 14.26 4.17 17.70
C LEU A 110 14.58 5.58 18.18
N PHE A 111 15.41 5.70 19.21
CA PHE A 111 15.72 7.03 19.72
C PHE A 111 17.21 7.36 19.70
N ALA A 112 17.51 8.64 19.77
CA ALA A 112 18.88 9.11 19.82
C ALA A 112 19.20 9.20 21.31
N PRO A 113 20.45 8.90 21.69
CA PRO A 113 20.85 8.94 23.09
C PRO A 113 20.50 10.22 23.84
N GLY A 114 20.84 11.36 23.25
CA GLY A 114 20.59 12.63 23.89
C GLY A 114 19.14 13.02 24.14
N THR A 115 18.21 12.42 23.40
CA THR A 115 16.80 12.76 23.55
C THR A 115 15.89 11.55 23.82
N ALA A 116 16.51 10.40 24.02
CA ALA A 116 15.78 9.16 24.28
C ALA A 116 14.61 9.33 25.24
N GLN A 117 14.76 10.17 26.25
CA GLN A 117 13.69 10.36 27.22
C GLN A 117 13.02 11.73 27.18
N ASN A 118 13.26 12.49 26.12
CA ASN A 118 12.65 13.81 25.99
C ASN A 118 11.41 13.65 25.10
N THR A 119 10.24 13.55 25.73
CA THR A 119 9.00 13.35 25.00
C THR A 119 8.66 14.42 23.97
N SER A 120 9.11 15.65 24.17
CA SER A 120 8.80 16.70 23.22
C SER A 120 9.79 16.76 22.05
N ALA A 121 10.80 15.90 22.06
CA ALA A 121 11.79 15.90 20.98
C ALA A 121 11.61 14.71 20.05
N ASN A 122 10.59 13.88 20.31
CA ASN A 122 10.33 12.70 19.50
C ASN A 122 8.90 12.65 18.98
N GLN A 123 8.70 11.83 17.95
CA GLN A 123 7.39 11.58 17.34
C GLN A 123 7.40 10.10 17.01
N VAL A 124 7.00 9.28 17.96
CA VAL A 124 6.99 7.85 17.75
C VAL A 124 6.21 7.12 18.81
N ILE A 125 5.44 6.14 18.35
CA ILE A 125 4.65 5.27 19.23
C ILE A 125 5.19 3.90 18.88
N ALA A 126 5.59 3.16 19.90
CA ALA A 126 6.14 1.84 19.66
C ALA A 126 5.68 0.84 20.71
N VAL A 127 5.69 -0.42 20.32
CA VAL A 127 5.33 -1.51 21.21
C VAL A 127 6.60 -2.33 21.22
N GLU A 128 7.33 -2.25 22.32
CA GLU A 128 8.58 -2.97 22.45
C GLU A 128 8.48 -4.27 23.21
N PHE A 129 9.38 -5.18 22.87
CA PHE A 129 9.49 -6.47 23.52
C PHE A 129 10.96 -6.44 23.89
N ASP A 130 11.18 -5.91 25.10
CA ASP A 130 12.50 -5.67 25.66
C ASP A 130 13.02 -6.84 26.48
N THR A 131 14.14 -7.42 26.05
CA THR A 131 14.71 -8.55 26.76
C THR A 131 15.92 -8.18 27.62
N PHE A 132 16.49 -7.01 27.39
CA PHE A 132 17.66 -6.61 28.15
C PHE A 132 17.33 -5.40 29.04
N TYR A 133 17.60 -5.54 30.33
CA TYR A 133 17.28 -4.49 31.29
C TYR A 133 18.36 -4.12 32.29
N ALA A 134 19.62 -4.40 31.97
CA ALA A 134 20.72 -4.05 32.89
C ALA A 134 20.54 -2.59 33.28
N GLN A 135 20.35 -2.36 34.58
CA GLN A 135 20.12 -1.02 35.11
C GLN A 135 21.23 0.00 34.91
N ASP A 136 22.42 -0.44 34.53
CA ASP A 136 23.51 0.50 34.33
C ASP A 136 23.42 1.13 32.94
N SER A 137 23.07 0.31 31.96
CA SER A 137 22.94 0.77 30.57
C SER A 137 21.50 1.14 30.20
N ASN A 138 20.52 0.34 30.63
CA ASN A 138 19.11 0.62 30.36
C ASN A 138 18.47 1.14 31.65
N THR A 139 18.94 2.29 32.11
CA THR A 139 18.47 2.89 33.35
C THR A 139 16.98 3.18 33.42
N TRP A 140 16.33 3.25 32.27
CA TRP A 140 14.90 3.56 32.18
C TRP A 140 13.99 2.34 32.32
N ASP A 141 14.55 1.13 32.18
CA ASP A 141 13.76 -0.10 32.26
C ASP A 141 13.44 -0.67 33.63
N PRO A 142 12.30 -1.36 33.74
CA PRO A 142 11.91 -1.98 35.01
C PRO A 142 12.94 -3.11 35.09
N ASN A 143 13.15 -3.70 36.26
CA ASN A 143 14.17 -4.73 36.38
C ASN A 143 13.75 -6.15 36.01
N TYR A 144 13.26 -6.31 34.78
CA TYR A 144 12.84 -7.61 34.26
C TYR A 144 12.41 -7.49 32.81
N PRO A 145 12.43 -8.61 32.07
CA PRO A 145 12.01 -8.56 30.67
C PRO A 145 10.58 -8.05 30.64
N HIS A 146 10.22 -7.32 29.59
CA HIS A 146 8.89 -6.74 29.55
C HIS A 146 8.44 -6.31 28.17
N ILE A 147 7.13 -6.12 28.04
CA ILE A 147 6.54 -5.63 26.81
C ILE A 147 6.20 -4.21 27.20
N GLY A 148 6.56 -3.25 26.36
CA GLY A 148 6.28 -1.87 26.72
C GLY A 148 5.62 -1.08 25.61
N ILE A 149 4.88 -0.06 26.03
CA ILE A 149 4.23 0.84 25.10
C ILE A 149 5.06 2.12 25.21
N ASP A 150 5.69 2.51 24.12
CA ASP A 150 6.53 3.70 24.10
C ASP A 150 5.87 4.85 23.35
N VAL A 151 5.79 6.00 24.00
CA VAL A 151 5.20 7.18 23.41
C VAL A 151 6.20 8.31 23.52
N ASN A 152 6.97 8.51 22.46
CA ASN A 152 8.00 9.56 22.39
C ASN A 152 9.13 9.41 23.40
N SER A 153 9.26 8.23 23.99
CA SER A 153 10.34 8.01 24.96
C SER A 153 10.70 6.53 25.08
N ILE A 154 11.97 6.26 25.36
CA ILE A 154 12.42 4.88 25.51
C ILE A 154 11.92 4.37 26.85
N ARG A 155 11.53 5.27 27.74
CA ARG A 155 10.99 4.86 29.03
C ARG A 155 9.51 4.66 28.81
N SER A 156 9.11 3.40 28.71
CA SER A 156 7.72 3.04 28.45
C SER A 156 6.75 3.73 29.40
N VAL A 157 5.62 4.19 28.85
CA VAL A 157 4.61 4.82 29.68
C VAL A 157 3.85 3.72 30.40
N LYS A 158 3.96 2.51 29.88
CA LYS A 158 3.28 1.36 30.47
C LYS A 158 4.03 0.09 30.06
N THR A 159 4.17 -0.85 30.99
CA THR A 159 4.86 -2.10 30.71
C THR A 159 4.16 -3.25 31.42
N VAL A 160 4.49 -4.46 31.01
CA VAL A 160 3.95 -5.65 31.64
C VAL A 160 5.10 -6.65 31.63
N LYS A 161 5.25 -7.41 32.73
CA LYS A 161 6.32 -8.38 32.79
C LYS A 161 6.12 -9.36 31.65
N TRP A 162 7.21 -9.70 30.97
CA TRP A 162 7.16 -10.61 29.84
C TRP A 162 8.23 -11.70 29.97
N ASP A 163 7.95 -12.85 29.37
CA ASP A 163 8.90 -13.97 29.43
C ASP A 163 9.53 -14.20 28.08
N ARG A 164 10.86 -14.15 28.03
CA ARG A 164 11.56 -14.39 26.77
C ARG A 164 11.75 -15.90 26.58
N ARG A 165 11.26 -16.44 25.47
CA ARG A 165 11.42 -17.86 25.19
C ARG A 165 12.24 -18.03 23.93
N ASP A 166 13.49 -18.44 24.08
CA ASP A 166 14.40 -18.63 22.97
C ASP A 166 13.82 -19.53 21.89
N GLY A 167 13.80 -19.05 20.66
CA GLY A 167 13.30 -19.85 19.56
C GLY A 167 11.81 -20.02 19.42
N GLN A 168 11.02 -19.49 20.35
CA GLN A 168 9.57 -19.63 20.22
C GLN A 168 8.90 -18.37 19.69
N SER A 169 8.01 -18.56 18.73
CA SER A 169 7.30 -17.46 18.10
C SER A 169 6.27 -16.83 19.04
N LEU A 170 6.25 -15.51 19.06
CA LEU A 170 5.28 -14.80 19.88
C LEU A 170 4.28 -14.20 18.93
N ASN A 171 3.00 -14.48 19.17
CA ASN A 171 1.93 -13.97 18.33
C ASN A 171 1.45 -12.67 18.95
N VAL A 172 1.49 -11.60 18.19
CA VAL A 172 1.11 -10.30 18.71
C VAL A 172 -0.01 -9.62 17.95
N LEU A 173 -0.94 -9.05 18.72
CA LEU A 173 -2.04 -8.30 18.15
C LEU A 173 -1.99 -6.92 18.79
N VAL A 174 -1.83 -5.90 17.96
CA VAL A 174 -1.80 -4.52 18.43
C VAL A 174 -2.96 -3.80 17.79
N THR A 175 -3.86 -3.25 18.61
CA THR A 175 -5.02 -2.55 18.08
C THR A 175 -5.18 -1.16 18.69
N PHE A 176 -5.65 -0.23 17.86
CA PHE A 176 -5.91 1.11 18.34
C PHE A 176 -7.36 1.43 18.01
N ASN A 177 -8.12 1.72 19.05
CA ASN A 177 -9.53 2.05 18.89
C ASN A 177 -9.64 3.56 19.08
N PRO A 178 -9.93 4.31 18.00
CA PRO A 178 -10.05 5.77 18.08
C PRO A 178 -11.23 6.22 18.94
N SER A 179 -12.21 5.35 19.10
CA SER A 179 -13.39 5.65 19.90
C SER A 179 -13.00 5.88 21.35
N THR A 180 -12.23 4.94 21.90
CA THR A 180 -11.78 5.02 23.29
C THR A 180 -10.33 5.47 23.42
N ARG A 181 -9.62 5.51 22.30
CA ARG A 181 -8.21 5.92 22.27
C ARG A 181 -7.29 4.92 22.97
N ASN A 182 -7.74 3.68 23.09
CA ASN A 182 -6.93 2.65 23.73
C ASN A 182 -6.07 1.92 22.72
N LEU A 183 -4.78 1.84 23.03
CA LEU A 183 -3.84 1.11 22.20
C LEU A 183 -3.71 -0.18 23.02
N ASP A 184 -4.23 -1.28 22.48
CA ASP A 184 -4.19 -2.56 23.17
C ASP A 184 -3.16 -3.49 22.56
N VAL A 185 -2.43 -4.20 23.43
CA VAL A 185 -1.44 -5.16 22.99
C VAL A 185 -1.73 -6.51 23.63
N VAL A 186 -1.84 -7.52 22.79
CA VAL A 186 -2.08 -8.87 23.27
C VAL A 186 -1.01 -9.74 22.63
N ALA A 187 -0.23 -10.43 23.45
CA ALA A 187 0.83 -11.28 22.94
C ALA A 187 0.67 -12.66 23.56
N THR A 188 0.77 -13.69 22.73
CA THR A 188 0.61 -15.03 23.23
C THR A 188 1.55 -16.04 22.58
N TYR A 189 2.04 -16.96 23.39
CA TYR A 189 2.88 -18.03 22.87
C TYR A 189 1.93 -19.13 22.45
N SER A 190 2.38 -20.04 21.59
CA SER A 190 1.52 -21.12 21.10
C SER A 190 0.82 -21.92 22.20
N ASP A 191 1.42 -21.98 23.38
CA ASP A 191 0.85 -22.76 24.47
C ASP A 191 -0.27 -22.02 25.20
N GLY A 192 -0.61 -20.83 24.74
CA GLY A 192 -1.67 -20.06 25.38
C GLY A 192 -1.21 -19.03 26.39
N THR A 193 0.08 -19.04 26.76
CA THR A 193 0.57 -18.06 27.72
C THR A 193 0.33 -16.68 27.10
N ARG A 194 -0.42 -15.86 27.83
CA ARG A 194 -0.83 -14.56 27.34
C ARG A 194 -0.32 -13.36 28.14
N TYR A 195 -0.07 -12.26 27.43
CA TYR A 195 0.40 -11.03 28.07
C TYR A 195 -0.41 -9.89 27.48
N GLU A 196 -0.89 -9.01 28.33
CA GLU A 196 -1.68 -7.89 27.86
C GLU A 196 -1.22 -6.59 28.49
N VAL A 197 -1.23 -5.53 27.68
CA VAL A 197 -0.85 -4.22 28.16
C VAL A 197 -1.54 -3.24 27.23
N SER A 198 -2.14 -2.21 27.81
CA SER A 198 -2.82 -1.21 27.02
C SER A 198 -2.60 0.16 27.61
N TYR A 199 -2.87 1.17 26.81
CA TYR A 199 -2.68 2.53 27.22
C TYR A 199 -3.52 3.45 26.36
N GLU A 200 -4.07 4.48 27.00
CA GLU A 200 -4.90 5.44 26.29
C GLU A 200 -3.99 6.54 25.77
N VAL A 201 -4.03 6.77 24.46
CA VAL A 201 -3.21 7.80 23.85
C VAL A 201 -3.92 8.45 22.67
N ASP A 202 -3.87 9.77 22.60
CA ASP A 202 -4.49 10.49 21.51
C ASP A 202 -3.41 10.60 20.45
N VAL A 203 -3.47 9.71 19.46
CA VAL A 203 -2.45 9.70 18.40
C VAL A 203 -2.32 11.01 17.65
N ARG A 204 -3.38 11.82 17.65
CA ARG A 204 -3.35 13.10 16.95
C ARG A 204 -2.32 14.07 17.54
N SER A 205 -2.15 14.06 18.85
CA SER A 205 -1.20 14.96 19.50
C SER A 205 0.22 14.42 19.51
N VAL A 206 0.41 13.21 19.01
CA VAL A 206 1.72 12.59 18.99
C VAL A 206 2.32 12.44 17.61
N LEU A 207 1.50 12.00 16.66
CA LEU A 207 1.95 11.76 15.30
C LEU A 207 1.26 12.63 14.26
N PRO A 208 1.94 12.88 13.13
CA PRO A 208 1.37 13.68 12.06
C PRO A 208 0.25 12.84 11.42
N GLU A 209 -0.54 13.45 10.53
CA GLU A 209 -1.64 12.76 9.88
C GLU A 209 -1.20 11.54 9.08
N TRP A 210 -0.07 11.65 8.38
CA TRP A 210 0.43 10.54 7.60
C TRP A 210 1.67 9.97 8.27
N VAL A 211 1.71 8.65 8.38
CA VAL A 211 2.83 7.99 9.03
C VAL A 211 3.25 6.74 8.27
N ARG A 212 4.28 6.09 8.79
CA ARG A 212 4.75 4.84 8.25
C ARG A 212 4.86 3.91 9.44
N VAL A 213 4.54 2.65 9.20
CA VAL A 213 4.60 1.66 10.26
C VAL A 213 5.67 0.65 9.90
N GLY A 214 6.27 0.05 10.90
CA GLY A 214 7.30 -0.93 10.65
C GLY A 214 7.82 -1.54 11.93
N PHE A 215 9.02 -2.10 11.86
CA PHE A 215 9.62 -2.73 13.02
C PHE A 215 11.06 -2.32 13.16
N SER A 216 11.55 -2.40 14.38
CA SER A 216 12.93 -2.06 14.66
C SER A 216 13.46 -3.06 15.67
N ALA A 217 14.75 -3.33 15.57
CA ALA A 217 15.39 -4.26 16.48
C ALA A 217 16.84 -3.85 16.55
N ALA A 218 17.50 -4.23 17.65
CA ALA A 218 18.91 -3.90 17.82
C ALA A 218 19.54 -4.78 18.86
N SER A 219 20.85 -4.92 18.75
CA SER A 219 21.64 -5.69 19.70
C SER A 219 22.88 -4.86 19.99
N GLY A 220 23.19 -4.68 21.27
CA GLY A 220 24.38 -3.93 21.63
C GLY A 220 25.49 -4.94 21.83
N GLU A 221 26.02 -5.03 23.04
CA GLU A 221 27.07 -6.00 23.33
C GLU A 221 26.46 -7.38 23.50
N GLN A 222 25.20 -7.42 23.93
CA GLN A 222 24.46 -8.66 24.09
C GLN A 222 23.67 -8.79 22.79
N TYR A 223 23.46 -10.01 22.33
CA TYR A 223 22.78 -10.21 21.07
C TYR A 223 21.81 -11.37 20.99
N GLN A 224 21.06 -11.38 19.89
CA GLN A 224 20.04 -12.39 19.61
C GLN A 224 19.45 -12.00 18.28
N THR A 225 18.87 -12.97 17.59
CA THR A 225 18.23 -12.68 16.32
C THR A 225 16.85 -12.14 16.64
N HIS A 226 16.39 -11.19 15.82
CA HIS A 226 15.05 -10.63 15.98
C HIS A 226 14.38 -10.97 14.65
N THR A 227 13.74 -12.13 14.61
CA THR A 227 13.11 -12.63 13.39
C THR A 227 11.62 -12.36 13.23
N LEU A 228 11.29 -11.43 12.33
CA LEU A 228 9.89 -11.11 12.05
C LEU A 228 9.43 -12.15 11.04
N GLU A 229 8.45 -12.96 11.44
CA GLU A 229 7.96 -14.06 10.62
C GLU A 229 6.74 -13.75 9.75
N SER A 230 5.83 -12.94 10.27
CA SER A 230 4.64 -12.59 9.51
C SER A 230 4.10 -11.27 10.02
N TRP A 231 3.33 -10.61 9.17
CA TRP A 231 2.78 -9.31 9.54
C TRP A 231 1.62 -8.91 8.65
N SER A 232 0.49 -8.59 9.27
CA SER A 232 -0.65 -8.12 8.53
C SER A 232 -0.99 -6.80 9.18
N PHE A 233 -1.51 -5.87 8.39
CA PHE A 233 -1.85 -4.57 8.92
C PHE A 233 -3.08 -4.02 8.22
N THR A 234 -3.89 -3.30 8.99
CA THR A 234 -5.09 -2.70 8.44
C THR A 234 -5.48 -1.48 9.27
N SER A 235 -5.80 -0.40 8.60
CA SER A 235 -6.24 0.82 9.27
C SER A 235 -7.39 1.40 8.45
N THR A 236 -8.37 1.96 9.14
CA THR A 236 -9.54 2.55 8.51
C THR A 236 -9.85 3.83 9.26
N LEU A 237 -9.96 4.95 8.54
CA LEU A 237 -10.30 6.21 9.18
C LEU A 237 -11.76 6.17 9.62
N LEU A 238 -12.01 6.52 10.87
CA LEU A 238 -13.38 6.51 11.39
C LEU A 238 -13.76 7.79 12.12
N TYR A 239 -15.05 8.08 12.11
CA TYR A 239 -15.62 9.23 12.81
C TYR A 239 -16.02 8.68 14.18
N THR A 240 -15.95 9.51 15.21
CA THR A 240 -16.33 9.07 16.54
C THR A 240 -17.04 10.18 17.31
N ALA A 241 -18.10 9.82 18.03
N ASP B 2 1.23 -10.70 0.24
CA ASP B 2 0.36 -11.58 -0.52
C ASP B 2 -0.97 -10.91 -0.79
N SER B 3 -1.39 -10.07 0.15
CA SER B 3 -2.65 -9.35 0.00
C SER B 3 -2.46 -7.86 0.23
N LEU B 4 -3.20 -7.08 -0.54
CA LEU B 4 -3.14 -5.62 -0.46
C LEU B 4 -4.50 -5.08 -0.82
N SER B 5 -4.89 -3.99 -0.17
CA SER B 5 -6.15 -3.37 -0.48
C SER B 5 -6.14 -1.97 0.05
N PHE B 6 -6.92 -1.12 -0.59
CA PHE B 6 -7.01 0.26 -0.19
C PHE B 6 -8.28 0.79 -0.79
N GLY B 7 -8.84 1.81 -0.14
CA GLY B 7 -10.07 2.38 -0.64
C GLY B 7 -10.00 3.89 -0.58
N PHE B 8 -10.49 4.52 -1.65
CA PHE B 8 -10.57 5.96 -1.74
C PHE B 8 -12.03 6.30 -1.94
N PRO B 9 -12.78 6.52 -0.85
CA PRO B 9 -14.20 6.86 -1.03
C PRO B 9 -14.25 8.18 -1.81
N THR B 10 -13.26 9.03 -1.57
CA THR B 10 -13.12 10.32 -2.25
C THR B 10 -11.62 10.54 -2.35
N PHE B 11 -11.22 11.64 -2.97
CA PHE B 11 -9.80 11.96 -3.14
C PHE B 11 -9.44 13.33 -2.59
N PRO B 12 -9.19 13.42 -1.28
CA PRO B 12 -8.81 14.72 -0.70
C PRO B 12 -7.49 15.13 -1.35
N SER B 13 -7.27 16.44 -1.50
CA SER B 13 -6.05 16.91 -2.16
C SER B 13 -4.76 16.49 -1.47
N ASP B 14 -4.86 16.12 -0.19
CA ASP B 14 -3.68 15.72 0.56
C ASP B 14 -3.32 14.24 0.34
N GLN B 15 -2.76 13.94 -0.84
CA GLN B 15 -2.39 12.58 -1.19
C GLN B 15 -0.91 12.24 -1.03
N LYS B 16 -0.62 11.03 -0.57
CA LYS B 16 0.76 10.60 -0.39
C LYS B 16 1.10 9.34 -1.18
N ASN B 17 0.11 8.46 -1.37
CA ASN B 17 0.37 7.21 -2.07
C ASN B 17 -0.02 7.12 -3.54
N LEU B 18 -0.22 8.26 -4.18
CA LEU B 18 -0.57 8.25 -5.59
C LEU B 18 0.57 8.83 -6.41
N ILE B 19 0.86 8.19 -7.53
CA ILE B 19 1.88 8.67 -8.44
C ILE B 19 1.10 9.39 -9.53
N PHE B 20 1.29 10.70 -9.62
CA PHE B 20 0.59 11.48 -10.62
C PHE B 20 1.48 11.62 -11.83
N GLN B 21 0.93 11.33 -13.01
CA GLN B 21 1.70 11.45 -14.24
C GLN B 21 0.92 12.35 -15.19
N GLY B 22 1.64 13.09 -16.02
CA GLY B 22 0.98 13.96 -16.97
C GLY B 22 0.26 15.11 -16.30
N ASP B 23 -0.95 15.41 -16.75
CA ASP B 23 -1.73 16.53 -16.21
C ASP B 23 -2.63 16.14 -15.05
N ALA B 24 -2.65 14.87 -14.70
CA ALA B 24 -3.49 14.40 -13.61
C ALA B 24 -3.27 15.17 -12.32
N GLN B 25 -4.35 15.54 -11.66
CA GLN B 25 -4.28 16.24 -10.38
C GLN B 25 -5.61 16.18 -9.64
N ILE B 26 -5.55 16.37 -8.33
CA ILE B 26 -6.74 16.34 -7.50
C ILE B 26 -7.48 17.67 -7.52
N LYS B 27 -8.79 17.59 -7.65
CA LYS B 27 -9.65 18.77 -7.65
C LYS B 27 -11.03 18.40 -7.16
N ASN B 28 -11.52 19.16 -6.19
CA ASN B 28 -12.83 18.93 -5.63
C ASN B 28 -12.99 17.51 -5.12
N ASN B 29 -11.99 17.00 -4.41
CA ASN B 29 -12.03 15.66 -3.85
C ASN B 29 -12.20 14.58 -4.92
N ALA B 30 -11.72 14.89 -6.12
CA ALA B 30 -11.79 13.94 -7.23
C ALA B 30 -10.49 14.08 -8.01
N VAL B 31 -10.17 13.06 -8.79
CA VAL B 31 -8.97 13.10 -9.60
C VAL B 31 -9.36 13.54 -11.00
N GLN B 32 -8.81 14.67 -11.44
CA GLN B 32 -9.06 15.13 -12.79
C GLN B 32 -7.89 14.58 -13.58
N LEU B 33 -8.13 13.48 -14.28
CA LEU B 33 -7.08 12.84 -15.08
C LEU B 33 -6.57 13.76 -16.18
N THR B 34 -7.49 14.44 -16.86
CA THR B 34 -7.11 15.35 -17.92
C THR B 34 -7.21 16.79 -17.48
N LYS B 35 -6.37 17.64 -18.07
CA LYS B 35 -6.32 19.05 -17.72
C LYS B 35 -7.61 19.81 -17.97
N THR B 36 -7.90 20.74 -17.07
CA THR B 36 -9.08 21.60 -17.15
C THR B 36 -8.60 23.01 -16.89
N ASP B 37 -9.28 24.01 -17.45
CA ASP B 37 -8.86 25.39 -17.22
C ASP B 37 -9.30 25.88 -15.85
N SER B 38 -9.05 27.16 -15.57
CA SER B 38 -9.41 27.77 -14.30
C SER B 38 -10.90 27.65 -13.99
N ASN B 39 -11.71 27.45 -15.02
CA ASN B 39 -13.16 27.31 -14.84
C ASN B 39 -13.59 25.85 -14.70
N GLY B 40 -12.64 24.93 -14.63
CA GLY B 40 -12.97 23.53 -14.50
C GLY B 40 -13.41 22.93 -15.82
N ASN B 41 -13.21 23.66 -16.92
CA ASN B 41 -13.58 23.18 -18.24
C ASN B 41 -12.46 22.41 -18.90
N PRO B 42 -12.79 21.30 -19.58
CA PRO B 42 -11.83 20.44 -20.27
C PRO B 42 -11.16 21.16 -21.44
N VAL B 43 -9.89 20.84 -21.67
CA VAL B 43 -9.14 21.44 -22.76
C VAL B 43 -8.58 20.33 -23.64
N ALA B 44 -8.17 20.70 -24.86
CA ALA B 44 -7.63 19.72 -25.80
C ALA B 44 -6.18 19.36 -25.47
N SER B 45 -5.65 18.36 -26.18
CA SER B 45 -4.28 17.92 -26.02
C SER B 45 -3.81 17.72 -24.58
N THR B 46 -4.41 16.77 -23.88
CA THR B 46 -4.03 16.51 -22.50
C THR B 46 -4.04 15.02 -22.20
N VAL B 47 -3.08 14.57 -21.41
CA VAL B 47 -2.97 13.18 -21.01
C VAL B 47 -2.61 13.17 -19.53
N GLY B 48 -3.19 12.23 -18.79
CA GLY B 48 -2.90 12.16 -17.37
C GLY B 48 -3.17 10.78 -16.82
N ARG B 49 -2.41 10.37 -15.81
CA ARG B 49 -2.60 9.06 -15.20
C ARG B 49 -2.21 9.11 -13.74
N ILE B 50 -2.73 8.16 -12.97
CA ILE B 50 -2.38 8.04 -11.56
C ILE B 50 -2.14 6.56 -11.34
N LEU B 51 -1.23 6.25 -10.43
CA LEU B 51 -0.92 4.88 -10.09
C LEU B 51 -0.83 4.84 -8.57
N PHE B 52 -1.23 3.73 -7.98
CA PHE B 52 -1.09 3.63 -6.53
C PHE B 52 0.39 3.35 -6.38
N SER B 53 1.02 3.98 -5.39
CA SER B 53 2.47 3.82 -5.19
C SER B 53 2.91 2.40 -4.88
N ALA B 54 2.22 1.72 -3.98
CA ALA B 54 2.59 0.35 -3.61
C ALA B 54 2.39 -0.63 -4.75
N GLN B 55 3.39 -1.47 -4.99
CA GLN B 55 3.29 -2.44 -6.07
C GLN B 55 2.42 -3.60 -5.65
N VAL B 56 1.65 -4.12 -6.60
CA VAL B 56 0.76 -5.24 -6.36
C VAL B 56 1.43 -6.52 -6.83
N HIS B 57 1.38 -7.56 -6.00
CA HIS B 57 1.98 -8.82 -6.36
C HIS B 57 0.90 -9.59 -7.13
N LEU B 58 0.94 -9.46 -8.45
CA LEU B 58 -0.05 -10.09 -9.33
C LEU B 58 0.05 -11.62 -9.36
N TRP B 59 1.25 -12.14 -9.51
CA TRP B 59 1.44 -13.58 -9.50
C TRP B 59 2.83 -13.91 -8.98
N GLU B 60 3.01 -15.15 -8.52
CA GLU B 60 4.29 -15.57 -7.98
C GLU B 60 4.74 -16.87 -8.61
N LYS B 61 5.78 -16.77 -9.43
CA LYS B 61 6.33 -17.93 -10.13
C LYS B 61 6.66 -19.09 -9.18
N SER B 62 7.51 -18.82 -8.19
CA SER B 62 7.93 -19.85 -7.24
C SER B 62 6.81 -20.64 -6.58
N SER B 63 5.73 -19.96 -6.20
CA SER B 63 4.61 -20.63 -5.54
C SER B 63 3.48 -20.99 -6.48
N SER B 64 3.64 -20.65 -7.76
CA SER B 64 2.61 -20.94 -8.75
C SER B 64 1.26 -20.28 -8.38
N ARG B 65 1.32 -19.16 -7.68
CA ARG B 65 0.11 -18.47 -7.29
C ARG B 65 -0.21 -17.28 -8.18
N VAL B 66 -1.50 -16.96 -8.29
CA VAL B 66 -1.96 -15.84 -9.09
C VAL B 66 -2.96 -15.07 -8.25
N ALA B 67 -2.95 -13.76 -8.39
CA ALA B 67 -3.83 -12.91 -7.61
C ALA B 67 -5.29 -12.89 -8.03
N ASN B 68 -6.14 -12.78 -7.02
CA ASN B 68 -7.56 -12.64 -7.21
C ASN B 68 -7.70 -11.16 -6.86
N PHE B 69 -8.10 -10.34 -7.82
CA PHE B 69 -8.24 -8.93 -7.50
C PHE B 69 -9.54 -8.32 -7.95
N GLN B 70 -9.94 -7.25 -7.28
CA GLN B 70 -11.16 -6.54 -7.57
C GLN B 70 -10.89 -5.05 -7.50
N SER B 71 -11.39 -4.33 -8.49
CA SER B 71 -11.21 -2.88 -8.51
C SER B 71 -12.59 -2.28 -8.75
N GLN B 72 -13.09 -1.57 -7.74
CA GLN B 72 -14.39 -0.93 -7.84
C GLN B 72 -14.10 0.55 -7.95
N PHE B 73 -14.74 1.21 -8.90
CA PHE B 73 -14.49 2.64 -9.06
C PHE B 73 -15.60 3.33 -9.82
N SER B 74 -15.66 4.64 -9.67
CA SER B 74 -16.68 5.41 -10.36
C SER B 74 -16.04 6.64 -10.96
N PHE B 75 -16.56 7.06 -12.10
CA PHE B 75 -16.06 8.25 -12.77
C PHE B 75 -17.19 8.88 -13.53
N SER B 76 -16.93 10.07 -14.04
CA SER B 76 -17.91 10.80 -14.83
C SER B 76 -17.14 11.59 -15.85
N LEU B 77 -17.76 11.76 -17.01
CA LEU B 77 -17.16 12.50 -18.11
C LEU B 77 -18.09 13.66 -18.38
N LYS B 78 -17.54 14.79 -18.76
CA LYS B 78 -18.36 15.95 -19.03
C LYS B 78 -17.70 16.76 -20.15
N SER B 79 -18.52 17.25 -21.08
CA SER B 79 -17.99 18.04 -22.18
C SER B 79 -19.07 18.80 -22.92
N PRO B 80 -18.84 20.07 -23.24
CA PRO B 80 -19.82 20.88 -23.97
C PRO B 80 -19.90 20.42 -25.42
N LEU B 81 -18.93 19.63 -25.85
CA LEU B 81 -18.88 19.12 -27.22
C LEU B 81 -19.82 17.94 -27.38
N SER B 82 -20.30 17.72 -28.60
CA SER B 82 -21.19 16.61 -28.88
C SER B 82 -20.38 15.31 -28.97
N ASN B 83 -19.07 15.45 -29.14
CA ASN B 83 -18.19 14.29 -29.28
C ASN B 83 -16.98 14.33 -28.34
N GLY B 84 -17.25 14.31 -27.03
CA GLY B 84 -16.19 14.31 -26.04
C GLY B 84 -15.26 13.15 -26.25
N ALA B 85 -13.96 13.40 -26.07
CA ALA B 85 -12.92 12.39 -26.26
C ALA B 85 -11.88 12.55 -25.16
N ASP B 86 -11.02 11.55 -24.95
CA ASP B 86 -11.01 10.31 -25.71
C ASP B 86 -11.45 9.09 -24.92
N GLY B 87 -11.43 9.19 -23.60
CA GLY B 87 -11.83 8.07 -22.78
C GLY B 87 -10.94 7.91 -21.57
N ILE B 88 -11.38 7.07 -20.63
CA ILE B 88 -10.62 6.81 -19.42
C ILE B 88 -10.37 5.33 -19.34
N ALA B 89 -9.30 4.93 -18.68
CA ALA B 89 -8.99 3.52 -18.56
C ALA B 89 -8.38 3.15 -17.22
N PHE B 90 -8.79 1.99 -16.73
CA PHE B 90 -8.25 1.42 -15.50
C PHE B 90 -7.22 0.50 -16.13
N PHE B 91 -5.97 0.54 -15.66
CA PHE B 91 -4.97 -0.34 -16.25
C PHE B 91 -4.01 -0.94 -15.25
N ILE B 92 -3.34 -2.00 -15.71
CA ILE B 92 -2.37 -2.73 -14.92
C ILE B 92 -1.13 -2.81 -15.80
N ALA B 93 0.01 -2.38 -15.27
CA ALA B 93 1.22 -2.38 -16.05
C ALA B 93 2.46 -2.54 -15.17
N PRO B 94 3.65 -2.69 -15.79
CA PRO B 94 4.87 -2.84 -15.01
C PRO B 94 5.00 -1.64 -14.09
N PRO B 95 5.67 -1.80 -12.93
CA PRO B 95 5.87 -0.76 -11.93
C PRO B 95 6.47 0.55 -12.43
N ASP B 96 7.37 0.45 -13.41
CA ASP B 96 8.04 1.62 -13.96
C ASP B 96 7.32 2.28 -15.12
N THR B 97 6.06 1.90 -15.35
CA THR B 97 5.29 2.48 -16.45
C THR B 97 5.16 4.00 -16.39
N THR B 98 5.34 4.64 -17.54
CA THR B 98 5.21 6.10 -17.66
C THR B 98 4.42 6.38 -18.93
N ILE B 99 4.00 7.63 -19.10
CA ILE B 99 3.24 7.99 -20.29
C ILE B 99 4.11 7.89 -21.53
N PRO B 100 3.76 6.99 -22.46
CA PRO B 100 4.54 6.82 -23.69
C PRO B 100 4.52 8.11 -24.50
N SER B 101 5.58 8.35 -25.26
CA SER B 101 5.64 9.54 -26.10
C SER B 101 4.59 9.42 -27.19
N GLY B 102 3.85 10.51 -27.43
CA GLY B 102 2.81 10.50 -28.44
C GLY B 102 1.64 9.57 -28.16
N SER B 103 1.40 9.28 -26.89
CA SER B 103 0.31 8.38 -26.51
C SER B 103 -1.00 9.12 -26.25
N GLY B 104 -1.07 10.38 -26.67
CA GLY B 104 -2.29 11.15 -26.44
C GLY B 104 -3.48 10.76 -27.29
N GLY B 105 -4.58 11.49 -27.12
CA GLY B 105 -5.79 11.23 -27.89
C GLY B 105 -6.30 9.81 -27.82
N GLY B 106 -6.58 9.24 -28.99
CA GLY B 106 -7.10 7.89 -29.07
C GLY B 106 -6.25 6.78 -28.45
N LEU B 107 -4.99 7.06 -28.15
CA LEU B 107 -4.13 6.06 -27.55
C LEU B 107 -4.25 6.04 -26.02
N LEU B 108 -5.12 6.92 -25.51
CA LEU B 108 -5.42 7.00 -24.09
C LEU B 108 -4.24 7.11 -23.11
N GLY B 109 -3.08 7.53 -23.60
CA GLY B 109 -1.92 7.66 -22.74
C GLY B 109 -1.37 6.31 -22.31
N LEU B 110 -1.78 5.25 -23.02
CA LEU B 110 -1.33 3.90 -22.71
C LEU B 110 -0.36 3.32 -23.72
N PHE B 111 -0.49 3.68 -24.99
CA PHE B 111 0.39 3.13 -26.01
C PHE B 111 1.09 4.17 -26.87
N ALA B 112 2.26 3.77 -27.39
CA ALA B 112 3.03 4.61 -28.28
C ALA B 112 2.44 4.32 -29.65
N PRO B 113 2.36 5.33 -30.53
CA PRO B 113 1.80 5.14 -31.86
C PRO B 113 2.43 4.00 -32.66
N GLY B 114 3.74 3.94 -32.65
CA GLY B 114 4.44 2.91 -33.41
C GLY B 114 4.12 1.47 -33.06
N THR B 115 3.79 1.21 -31.80
CA THR B 115 3.49 -0.16 -31.39
C THR B 115 2.12 -0.34 -30.73
N ALA B 116 1.25 0.66 -30.87
CA ALA B 116 -0.09 0.61 -30.28
C ALA B 116 -0.86 -0.67 -30.55
N GLN B 117 -0.59 -1.32 -31.68
CA GLN B 117 -1.27 -2.55 -32.01
C GLN B 117 -0.34 -3.75 -32.10
N ASN B 118 0.86 -3.61 -31.56
CA ASN B 118 1.83 -4.71 -31.55
C ASN B 118 1.75 -5.35 -30.18
N THR B 119 1.01 -6.44 -30.07
CA THR B 119 0.84 -7.12 -28.79
C THR B 119 2.14 -7.64 -28.18
N SER B 120 3.19 -7.75 -29.00
CA SER B 120 4.48 -8.22 -28.50
C SER B 120 5.34 -7.08 -27.98
N ALA B 121 4.92 -5.85 -28.25
CA ALA B 121 5.70 -4.71 -27.80
C ALA B 121 5.16 -4.08 -26.53
N ASN B 122 4.08 -4.63 -26.00
CA ASN B 122 3.46 -4.06 -24.81
C ASN B 122 3.20 -5.05 -23.67
N GLN B 123 3.01 -4.49 -22.49
CA GLN B 123 2.72 -5.23 -21.28
C GLN B 123 1.70 -4.42 -20.54
N VAL B 124 0.44 -4.61 -20.87
CA VAL B 124 -0.61 -3.85 -20.22
C VAL B 124 -1.98 -4.47 -20.42
N ILE B 125 -2.77 -4.45 -19.35
CA ILE B 125 -4.13 -4.93 -19.39
C ILE B 125 -4.91 -3.72 -18.93
N ALA B 126 -5.91 -3.33 -19.71
CA ALA B 126 -6.70 -2.18 -19.35
C ALA B 126 -8.14 -2.33 -19.75
N VAL B 127 -9.01 -1.72 -18.97
CA VAL B 127 -10.43 -1.73 -19.26
C VAL B 127 -10.69 -0.27 -19.65
N GLU B 128 -10.96 -0.05 -20.93
CA GLU B 128 -11.21 1.30 -21.44
C GLU B 128 -12.67 1.65 -21.64
N PHE B 129 -12.98 2.92 -21.39
CA PHE B 129 -14.30 3.46 -21.58
C PHE B 129 -14.01 4.52 -22.64
N ASP B 130 -14.16 4.07 -23.87
CA ASP B 130 -13.84 4.85 -25.06
C ASP B 130 -15.05 5.57 -25.63
N THR B 131 -14.97 6.91 -25.68
CA THR B 131 -16.06 7.72 -26.17
C THR B 131 -15.84 8.31 -27.56
N PHE B 132 -14.65 8.13 -28.12
CA PHE B 132 -14.34 8.69 -29.44
C PHE B 132 -13.95 7.56 -30.37
N TYR B 133 -14.71 7.41 -31.46
CA TYR B 133 -14.49 6.32 -32.40
C TYR B 133 -14.42 6.73 -33.87
N ALA B 134 -14.13 8.01 -34.13
CA ALA B 134 -14.02 8.49 -35.50
C ALA B 134 -13.19 7.50 -36.31
N GLN B 135 -13.85 6.85 -37.26
CA GLN B 135 -13.23 5.83 -38.10
C GLN B 135 -12.03 6.26 -38.93
N ASP B 136 -11.72 7.55 -38.94
CA ASP B 136 -10.56 8.02 -39.70
C ASP B 136 -9.31 8.10 -38.84
N SER B 137 -9.47 8.41 -37.56
CA SER B 137 -8.32 8.50 -36.66
C SER B 137 -8.21 7.26 -35.77
N ASN B 138 -9.33 6.85 -35.17
CA ASN B 138 -9.32 5.66 -34.32
C ASN B 138 -9.80 4.47 -35.14
N THR B 139 -9.01 4.16 -36.17
CA THR B 139 -9.31 3.08 -37.10
C THR B 139 -9.54 1.71 -36.45
N TRP B 140 -8.99 1.52 -35.27
CA TRP B 140 -9.11 0.27 -34.52
C TRP B 140 -10.41 0.10 -33.76
N ASP B 141 -11.14 1.19 -33.53
CA ASP B 141 -12.40 1.09 -32.79
C ASP B 141 -13.63 0.71 -33.58
N PRO B 142 -14.61 0.11 -32.90
CA PRO B 142 -15.88 -0.27 -33.52
C PRO B 142 -16.53 1.11 -33.69
N ASN B 143 -17.51 1.24 -34.57
CA ASN B 143 -18.10 2.55 -34.81
C ASN B 143 -19.19 3.00 -33.81
N TYR B 144 -18.81 3.14 -32.54
CA TYR B 144 -19.73 3.57 -31.49
C TYR B 144 -19.03 3.56 -30.13
N PRO B 145 -19.51 4.39 -29.18
CA PRO B 145 -18.89 4.43 -27.86
C PRO B 145 -18.92 3.01 -27.28
N HIS B 146 -17.87 2.63 -26.57
CA HIS B 146 -17.79 1.28 -26.06
C HIS B 146 -16.90 1.11 -24.85
N ILE B 147 -17.04 -0.05 -24.21
CA ILE B 147 -16.22 -0.45 -23.09
C ILE B 147 -15.38 -1.54 -23.73
N GLY B 148 -14.07 -1.48 -23.54
CA GLY B 148 -13.24 -2.50 -24.16
C GLY B 148 -12.17 -3.03 -23.24
N ILE B 149 -11.76 -4.27 -23.51
CA ILE B 149 -10.70 -4.88 -22.72
C ILE B 149 -9.49 -4.87 -23.64
N ASP B 150 -8.43 -4.21 -23.18
CA ASP B 150 -7.22 -4.10 -23.95
C ASP B 150 -6.13 -4.99 -23.35
N VAL B 151 -5.50 -5.80 -24.20
CA VAL B 151 -4.41 -6.68 -23.79
C VAL B 151 -3.25 -6.46 -24.75
N ASN B 152 -2.30 -5.62 -24.32
CA ASN B 152 -1.12 -5.29 -25.11
C ASN B 152 -1.40 -4.59 -26.43
N SER B 153 -2.62 -4.06 -26.58
CA SER B 153 -3.00 -3.34 -27.78
C SER B 153 -4.19 -2.41 -27.57
N ILE B 154 -4.19 -1.30 -28.30
CA ILE B 154 -5.27 -0.33 -28.21
C ILE B 154 -6.49 -0.91 -28.95
N ARG B 155 -6.25 -1.94 -29.74
CA ARG B 155 -7.33 -2.60 -30.45
C ARG B 155 -7.88 -3.62 -29.47
N SER B 156 -8.96 -3.25 -28.79
CA SER B 156 -9.55 -4.13 -27.79
C SER B 156 -9.73 -5.57 -28.25
N VAL B 157 -9.41 -6.52 -27.37
CA VAL B 157 -9.60 -7.92 -27.72
C VAL B 157 -11.10 -8.15 -27.64
N LYS B 158 -11.80 -7.18 -27.06
CA LYS B 158 -13.23 -7.32 -26.90
C LYS B 158 -13.90 -6.00 -26.52
N THR B 159 -15.04 -5.70 -27.14
CA THR B 159 -15.79 -4.49 -26.83
C THR B 159 -17.28 -4.78 -26.76
N VAL B 160 -17.99 -3.94 -26.02
CA VAL B 160 -19.43 -4.04 -25.91
C VAL B 160 -19.92 -2.62 -26.04
N LYS B 161 -21.04 -2.44 -26.72
CA LYS B 161 -21.58 -1.10 -26.91
C LYS B 161 -21.84 -0.46 -25.55
N TRP B 162 -21.52 0.83 -25.46
CA TRP B 162 -21.69 1.55 -24.21
C TRP B 162 -22.30 2.92 -24.49
N ASP B 163 -23.05 3.45 -23.52
CA ASP B 163 -23.64 4.76 -23.72
C ASP B 163 -22.88 5.76 -22.85
N ARG B 164 -22.52 6.89 -23.46
CA ARG B 164 -21.84 7.96 -22.75
C ARG B 164 -22.95 8.86 -22.21
N ARG B 165 -22.93 9.12 -20.90
CA ARG B 165 -23.93 10.00 -20.29
C ARG B 165 -23.20 11.13 -19.59
N ASP B 166 -23.22 12.30 -20.24
CA ASP B 166 -22.53 13.47 -19.74
C ASP B 166 -22.89 13.76 -18.28
N GLY B 167 -21.86 13.96 -17.46
CA GLY B 167 -22.06 14.28 -16.06
C GLY B 167 -22.69 13.20 -15.18
N GLN B 168 -22.84 12.00 -15.69
CA GLN B 168 -23.41 10.93 -14.88
C GLN B 168 -22.33 9.96 -14.46
N SER B 169 -22.31 9.62 -13.19
CA SER B 169 -21.30 8.70 -12.67
C SER B 169 -21.57 7.27 -13.08
N LEU B 170 -20.53 6.60 -13.52
CA LEU B 170 -20.63 5.21 -13.91
C LEU B 170 -19.91 4.44 -12.82
N ASN B 171 -20.55 3.43 -12.25
CA ASN B 171 -19.88 2.61 -11.25
C ASN B 171 -19.40 1.37 -11.97
N VAL B 172 -18.13 1.05 -11.78
CA VAL B 172 -17.52 -0.09 -12.45
C VAL B 172 -16.86 -1.04 -11.48
N LEU B 173 -17.06 -2.33 -11.73
CA LEU B 173 -16.42 -3.36 -10.92
C LEU B 173 -15.61 -4.23 -11.87
N VAL B 174 -14.30 -4.26 -11.68
CA VAL B 174 -13.45 -5.10 -12.51
C VAL B 174 -12.87 -6.18 -11.60
N THR B 175 -13.12 -7.43 -11.94
CA THR B 175 -12.62 -8.52 -11.13
C THR B 175 -11.88 -9.56 -11.96
N PHE B 176 -10.90 -10.21 -11.33
CA PHE B 176 -10.14 -11.26 -11.99
C PHE B 176 -10.14 -12.47 -11.06
N ASN B 177 -10.57 -13.60 -11.60
CA ASN B 177 -10.61 -14.84 -10.85
C ASN B 177 -9.52 -15.72 -11.45
N PRO B 178 -8.45 -16.00 -10.69
CA PRO B 178 -7.35 -16.84 -11.17
C PRO B 178 -7.74 -18.28 -11.52
N SER B 179 -8.82 -18.77 -10.91
CA SER B 179 -9.28 -20.13 -11.19
C SER B 179 -9.79 -20.28 -12.61
N THR B 180 -10.64 -19.35 -13.02
CA THR B 180 -11.23 -19.37 -14.35
C THR B 180 -10.43 -18.48 -15.30
N ARG B 181 -9.56 -17.66 -14.74
CA ARG B 181 -8.76 -16.72 -15.52
C ARG B 181 -9.70 -15.74 -16.23
N ASN B 182 -10.89 -15.58 -15.68
CA ASN B 182 -11.87 -14.65 -16.22
C ASN B 182 -11.70 -13.23 -15.69
N LEU B 183 -11.61 -12.29 -16.62
CA LEU B 183 -11.52 -10.88 -16.26
C LEU B 183 -12.94 -10.36 -16.55
N ASP B 184 -13.68 -10.07 -15.50
CA ASP B 184 -15.05 -9.58 -15.65
C ASP B 184 -15.18 -8.09 -15.40
N VAL B 185 -16.00 -7.45 -16.21
CA VAL B 185 -16.26 -6.03 -16.09
C VAL B 185 -17.76 -5.78 -16.01
N VAL B 186 -18.19 -5.12 -14.96
CA VAL B 186 -19.60 -4.80 -14.81
C VAL B 186 -19.69 -3.31 -14.50
N ALA B 187 -20.37 -2.57 -15.35
CA ALA B 187 -20.51 -1.14 -15.15
C ALA B 187 -21.98 -0.79 -15.13
N THR B 188 -22.37 0.11 -14.23
CA THR B 188 -23.76 0.51 -14.12
C THR B 188 -23.92 2.01 -13.90
N TYR B 189 -25.03 2.55 -14.42
CA TYR B 189 -25.36 3.94 -14.20
C TYR B 189 -26.38 3.90 -13.07
N SER B 190 -26.59 5.03 -12.41
CA SER B 190 -27.54 5.11 -11.29
C SER B 190 -28.98 4.68 -11.57
N ASP B 191 -29.35 4.57 -12.84
CA ASP B 191 -30.72 4.17 -13.19
C ASP B 191 -30.85 2.66 -13.36
N GLY B 192 -29.77 1.93 -13.12
CA GLY B 192 -29.82 0.49 -13.26
C GLY B 192 -29.33 -0.01 -14.61
N THR B 193 -29.02 0.90 -15.53
CA THR B 193 -28.53 0.47 -16.84
C THR B 193 -27.21 -0.24 -16.59
N ARG B 194 -27.11 -1.46 -17.10
CA ARG B 194 -25.95 -2.30 -16.87
C ARG B 194 -25.19 -2.74 -18.12
N TYR B 195 -23.86 -2.82 -18.01
CA TYR B 195 -23.01 -3.27 -19.11
C TYR B 195 -22.07 -4.32 -18.55
N GLU B 196 -21.88 -5.41 -19.29
CA GLU B 196 -21.01 -6.49 -18.85
C GLU B 196 -20.16 -7.00 -19.99
N VAL B 197 -18.91 -7.29 -19.70
CA VAL B 197 -18.01 -7.83 -20.68
C VAL B 197 -17.01 -8.69 -19.92
N SER B 198 -16.72 -9.86 -20.45
CA SER B 198 -15.80 -10.77 -19.80
C SER B 198 -14.79 -11.29 -20.81
N TYR B 199 -13.62 -11.67 -20.31
CA TYR B 199 -12.58 -12.19 -21.17
C TYR B 199 -11.65 -13.09 -20.39
N GLU B 200 -11.24 -14.19 -20.99
CA GLU B 200 -10.35 -15.14 -20.35
C GLU B 200 -8.93 -14.76 -20.74
N VAL B 201 -8.11 -14.46 -19.74
CA VAL B 201 -6.72 -14.10 -20.00
C VAL B 201 -5.83 -14.57 -18.87
N ASP B 202 -4.70 -15.16 -19.23
CA ASP B 202 -3.75 -15.62 -18.24
C ASP B 202 -2.81 -14.44 -18.04
N VAL B 203 -3.00 -13.71 -16.94
CA VAL B 203 -2.18 -12.55 -16.69
C VAL B 203 -0.69 -12.89 -16.56
N ARG B 204 -0.39 -14.13 -16.20
CA ARG B 204 1.00 -14.56 -16.04
C ARG B 204 1.81 -14.43 -17.33
N SER B 205 1.16 -14.55 -18.47
CA SER B 205 1.85 -14.44 -19.75
C SER B 205 1.86 -13.03 -20.33
N VAL B 206 1.15 -12.11 -19.68
CA VAL B 206 1.08 -10.74 -20.17
C VAL B 206 1.83 -9.72 -19.30
N LEU B 207 1.77 -9.91 -17.99
CA LEU B 207 2.39 -8.99 -17.05
C LEU B 207 3.39 -9.64 -16.09
N PRO B 208 4.34 -8.83 -15.59
CA PRO B 208 5.36 -9.31 -14.65
C PRO B 208 4.68 -9.64 -13.32
N GLU B 209 5.40 -10.30 -12.43
CA GLU B 209 4.86 -10.68 -11.13
C GLU B 209 4.41 -9.49 -10.29
N TRP B 210 5.16 -8.39 -10.37
CA TRP B 210 4.80 -7.19 -9.63
C TRP B 210 4.37 -6.11 -10.59
N VAL B 211 3.25 -5.48 -10.27
CA VAL B 211 2.71 -4.44 -11.13
C VAL B 211 2.14 -3.30 -10.33
N ARG B 212 1.73 -2.27 -11.05
CA ARG B 212 1.09 -1.12 -10.46
C ARG B 212 -0.24 -0.99 -11.18
N VAL B 213 -1.25 -0.55 -10.43
CA VAL B 213 -2.57 -0.37 -10.98
C VAL B 213 -2.90 1.11 -10.92
N GLY B 214 -3.71 1.56 -11.87
CA GLY B 214 -4.08 2.95 -11.89
C GLY B 214 -5.04 3.28 -13.01
N PHE B 215 -5.16 4.57 -13.30
CA PHE B 215 -6.05 5.01 -14.36
C PHE B 215 -5.34 5.92 -15.32
N SER B 216 -5.86 5.97 -16.54
CA SER B 216 -5.30 6.80 -17.58
C SER B 216 -6.45 7.38 -18.38
N ALA B 217 -6.23 8.57 -18.92
CA ALA B 217 -7.24 9.23 -19.72
C ALA B 217 -6.52 10.22 -20.61
N ALA B 218 -7.18 10.65 -21.67
CA ALA B 218 -6.57 11.59 -22.58
C ALA B 218 -7.61 12.23 -23.48
N SER B 219 -7.27 13.40 -24.01
CA SER B 219 -8.11 14.14 -24.93
C SER B 219 -7.21 14.68 -26.04
N GLY B 220 -7.60 14.48 -27.29
CA GLY B 220 -6.81 14.98 -28.41
C GLY B 220 -7.42 16.29 -28.88
N GLU B 221 -7.97 16.30 -30.10
CA GLU B 221 -8.60 17.50 -30.62
C GLU B 221 -9.94 17.69 -29.94
N GLN B 222 -10.61 16.60 -29.62
CA GLN B 222 -11.89 16.65 -28.90
C GLN B 222 -11.52 16.40 -27.45
N TYR B 223 -12.32 16.96 -26.55
CA TYR B 223 -12.02 16.85 -25.12
C TYR B 223 -13.24 16.69 -24.24
N GLN B 224 -12.96 16.37 -22.98
CA GLN B 224 -13.97 16.17 -21.96
C GLN B 224 -13.17 15.91 -20.68
N THR B 225 -13.80 16.12 -19.54
CA THR B 225 -13.13 15.87 -18.28
C THR B 225 -13.24 14.38 -18.00
N HIS B 226 -12.23 13.82 -17.37
CA HIS B 226 -12.23 12.40 -17.00
C HIS B 226 -12.00 12.45 -15.51
N THR B 227 -13.10 12.46 -14.76
CA THR B 227 -13.07 12.57 -13.32
C THR B 227 -13.24 11.25 -12.57
N LEU B 228 -12.17 10.82 -11.91
CA LEU B 228 -12.20 9.60 -11.11
C LEU B 228 -12.74 10.06 -9.76
N GLU B 229 -13.91 9.57 -9.39
CA GLU B 229 -14.56 9.97 -8.14
C GLU B 229 -14.26 9.11 -6.91
N SER B 230 -14.10 7.82 -7.12
CA SER B 230 -13.78 6.91 -6.02
C SER B 230 -13.08 5.69 -6.56
N TRP B 231 -12.40 4.96 -5.68
CA TRP B 231 -11.68 3.77 -6.10
C TRP B 231 -11.28 2.90 -4.93
N SER B 232 -11.63 1.61 -5.01
CA SER B 232 -11.23 0.67 -3.96
C SER B 232 -10.60 -0.48 -4.70
N PHE B 233 -9.53 -1.02 -4.15
CA PHE B 233 -8.81 -2.11 -4.80
C PHE B 233 -8.35 -3.15 -3.78
N THR B 234 -8.44 -4.41 -4.16
CA THR B 234 -8.03 -5.48 -3.27
C THR B 234 -7.48 -6.63 -4.10
N SER B 235 -6.36 -7.20 -3.65
CA SER B 235 -5.77 -8.34 -4.33
C SER B 235 -5.19 -9.27 -3.28
N THR B 236 -5.31 -10.55 -3.55
CA THR B 236 -4.79 -11.56 -2.65
C THR B 236 -4.31 -12.77 -3.46
N LEU B 237 -3.09 -13.22 -3.20
CA LEU B 237 -2.54 -14.37 -3.90
C LEU B 237 -3.27 -15.65 -3.55
N LEU B 238 -3.64 -16.43 -4.56
CA LEU B 238 -4.34 -17.70 -4.35
C LEU B 238 -3.71 -18.83 -5.15
N TYR B 239 -3.83 -20.05 -4.63
CA TYR B 239 -3.28 -21.22 -5.31
C TYR B 239 -4.12 -21.52 -6.55
N THR B 240 -3.45 -21.96 -7.62
CA THR B 240 -4.14 -22.29 -8.86
C THR B 240 -3.64 -23.62 -9.40
N ALA B 241 -4.58 -24.48 -9.81
#